data_4J6X
#
_entry.id   4J6X
#
_cell.length_a   61.580
_cell.length_b   73.520
_cell.length_c   107.790
_cell.angle_alpha   90.00
_cell.angle_beta   90.00
_cell.angle_gamma   90.00
#
_symmetry.space_group_name_H-M   'P 21 21 21'
#
loop_
_entity.id
_entity.type
_entity.pdbx_description
1 polymer 'Protein hfq'
2 non-polymer "URIDINE 5'-TRIPHOSPHATE"
3 water water
#
_entity_poly.entity_id   1
_entity_poly.type   'polypeptide(L)'
_entity_poly.pdbx_seq_one_letter_code
;MSKGHSLQDPYLNTLRKERVPVSIYLVNGIKLQGQIESFDQFVILLKNTVSQMVYKHAISTVVPSRPVRLPSGDQPAEPG
NA
;
_entity_poly.pdbx_strand_id   A,B,C,D,E,F
#
# COMPACT_ATOMS: atom_id res chain seq x y z
N SER A 6 4.59 -20.19 -2.32
CA SER A 6 5.11 -21.12 -3.33
C SER A 6 6.62 -21.06 -3.38
N LEU A 7 7.13 -19.88 -3.66
CA LEU A 7 8.56 -19.65 -3.67
C LEU A 7 8.96 -18.96 -2.36
N GLN A 8 8.10 -18.04 -1.90
CA GLN A 8 8.32 -17.34 -0.63
C GLN A 8 8.38 -18.27 0.57
N ASP A 9 7.41 -19.16 0.69
CA ASP A 9 7.30 -20.01 1.88
C ASP A 9 8.52 -20.90 2.13
N PRO A 10 8.93 -21.72 1.15
CA PRO A 10 10.12 -22.55 1.44
C PRO A 10 11.38 -21.72 1.61
N TYR A 11 11.44 -20.56 0.97
CA TYR A 11 12.63 -19.73 1.08
C TYR A 11 12.75 -19.20 2.51
N LEU A 12 11.63 -18.74 3.05
CA LEU A 12 11.60 -18.29 4.43
C LEU A 12 11.91 -19.47 5.35
N ASN A 13 11.27 -20.60 5.07
CA ASN A 13 11.45 -21.80 5.87
C ASN A 13 12.90 -22.24 5.98
N THR A 14 13.64 -22.20 4.87
CA THR A 14 15.04 -22.58 4.92
C THR A 14 15.80 -21.65 5.85
N LEU A 15 15.61 -20.35 5.69
CA LEU A 15 16.17 -19.37 6.60
C LEU A 15 15.77 -19.66 8.04
N ARG A 16 14.51 -20.05 8.24
CA ARG A 16 14.06 -20.38 9.58
C ARG A 16 14.73 -21.66 10.10
N LYS A 17 14.45 -22.79 9.43
CA LYS A 17 15.03 -24.08 9.79
C LYS A 17 16.54 -24.05 10.01
N GLU A 18 17.28 -23.31 9.19
CA GLU A 18 18.73 -23.28 9.27
C GLU A 18 19.30 -22.11 10.07
N ARG A 19 18.41 -21.39 10.76
CA ARG A 19 18.82 -20.34 11.70
C ARG A 19 19.70 -19.27 11.06
N VAL A 20 19.41 -18.92 9.81
CA VAL A 20 20.27 -18.03 9.05
C VAL A 20 20.01 -16.56 9.38
N PRO A 21 21.07 -15.81 9.72
CA PRO A 21 20.94 -14.39 10.02
C PRO A 21 20.58 -13.62 8.75
N VAL A 22 19.63 -12.71 8.87
CA VAL A 22 19.15 -11.96 7.72
C VAL A 22 19.11 -10.46 7.99
N SER A 23 19.05 -9.69 6.92
CA SER A 23 18.66 -8.29 7.00
C SER A 23 17.30 -8.16 6.32
N ILE A 24 16.32 -7.64 7.05
CA ILE A 24 15.05 -7.31 6.45
C ILE A 24 14.95 -5.80 6.31
N TYR A 25 14.83 -5.35 5.07
CA TYR A 25 14.75 -3.92 4.79
C TYR A 25 13.30 -3.56 4.62
N LEU A 26 12.87 -2.53 5.35
CA LEU A 26 11.50 -2.07 5.34
C LEU A 26 11.29 -1.05 4.22
N VAL A 27 10.04 -0.87 3.80
CA VAL A 27 9.76 0.00 2.67
C VAL A 27 10.15 1.44 2.95
N ASN A 28 10.30 1.81 4.22
CA ASN A 28 10.71 3.18 4.57
C ASN A 28 12.22 3.32 4.74
N GLY A 29 12.97 2.27 4.40
CA GLY A 29 14.41 2.32 4.49
C GLY A 29 15.01 1.57 5.68
N ILE A 30 14.25 1.46 6.77
CA ILE A 30 14.73 0.79 7.98
C ILE A 30 15.24 -0.64 7.73
N LYS A 31 16.39 -0.94 8.33
CA LYS A 31 17.01 -2.24 8.24
C LYS A 31 16.85 -2.99 9.54
N LEU A 32 16.13 -4.10 9.53
CA LEU A 32 16.04 -4.95 10.72
C LEU A 32 16.94 -6.14 10.57
N GLN A 33 17.58 -6.56 11.66
CA GLN A 33 18.44 -7.75 11.63
C GLN A 33 18.03 -8.85 12.62
N GLY A 34 18.36 -10.08 12.28
CA GLY A 34 18.11 -11.20 13.17
C GLY A 34 17.94 -12.50 12.42
N GLN A 35 17.24 -13.42 13.07
CA GLN A 35 16.92 -14.70 12.48
C GLN A 35 15.41 -14.87 12.51
N ILE A 36 14.87 -15.52 11.49
CA ILE A 36 13.44 -15.76 11.41
C ILE A 36 13.02 -16.86 12.36
N GLU A 37 12.29 -16.47 13.40
CA GLU A 37 11.79 -17.43 14.40
C GLU A 37 10.63 -18.21 13.80
N SER A 38 9.71 -17.48 13.18
CA SER A 38 8.55 -18.08 12.56
C SER A 38 7.88 -17.05 11.67
N PHE A 39 6.85 -17.48 10.95
CA PHE A 39 6.16 -16.62 10.01
C PHE A 39 4.83 -17.25 9.64
N ASP A 40 3.90 -16.45 9.12
CA ASP A 40 2.73 -17.00 8.44
C ASP A 40 2.47 -16.20 7.17
N GLN A 41 1.23 -16.20 6.73
CA GLN A 41 0.88 -15.61 5.46
C GLN A 41 1.12 -14.09 5.45
N PHE A 42 1.02 -13.45 6.62
CA PHE A 42 1.08 -11.99 6.71
C PHE A 42 2.21 -11.39 7.53
N VAL A 43 2.73 -12.14 8.51
CA VAL A 43 3.80 -11.59 9.33
C VAL A 43 5.00 -12.50 9.44
N ILE A 44 6.10 -11.92 9.90
CA ILE A 44 7.33 -12.63 10.18
C ILE A 44 7.78 -12.24 11.57
N LEU A 45 8.10 -13.22 12.40
CA LEU A 45 8.66 -12.95 13.72
C LEU A 45 10.19 -13.10 13.69
N LEU A 46 10.88 -12.00 13.94
CA LEU A 46 12.33 -11.92 13.81
C LEU A 46 12.99 -11.72 15.16
N LYS A 47 13.91 -12.61 15.55
CA LYS A 47 14.52 -12.54 16.87
C LYS A 47 15.98 -12.09 16.92
N ASN A 48 16.56 -12.09 18.13
CA ASN A 48 17.90 -11.56 18.44
C ASN A 48 18.04 -10.04 18.39
N THR A 49 18.79 -9.50 19.37
CA THR A 49 18.75 -8.09 19.78
C THR A 49 17.45 -7.84 20.54
N VAL A 50 16.40 -7.55 19.78
CA VAL A 50 15.05 -7.57 20.31
C VAL A 50 14.23 -8.45 19.38
N SER A 51 13.16 -9.06 19.89
CA SER A 51 12.25 -9.80 19.02
C SER A 51 11.10 -8.87 18.65
N GLN A 52 10.56 -9.06 17.45
CA GLN A 52 9.51 -8.17 16.96
C GLN A 52 8.70 -8.86 15.88
N MET A 53 7.42 -8.55 15.82
CA MET A 53 6.59 -9.05 14.74
C MET A 53 6.62 -8.05 13.58
N VAL A 54 6.98 -8.52 12.41
CA VAL A 54 7.11 -7.67 11.23
C VAL A 54 6.00 -7.96 10.22
N TYR A 55 5.22 -6.96 9.84
CA TYR A 55 4.28 -7.12 8.74
C TYR A 55 5.00 -7.24 7.39
N LYS A 56 4.55 -8.19 6.59
CA LYS A 56 5.15 -8.41 5.29
C LYS A 56 4.94 -7.18 4.39
N HIS A 57 3.72 -6.62 4.47
CA HIS A 57 3.37 -5.45 3.66
C HIS A 57 4.30 -4.27 3.89
N ALA A 58 5.03 -4.28 5.00
CA ALA A 58 5.99 -3.23 5.29
C ALA A 58 7.40 -3.57 4.82
N ILE A 59 7.60 -4.79 4.30
CA ILE A 59 8.93 -5.21 3.88
C ILE A 59 9.18 -4.99 2.39
N SER A 60 10.34 -4.43 2.07
CA SER A 60 10.77 -4.42 0.67
C SER A 60 11.58 -5.66 0.27
N THR A 61 12.67 -5.94 0.97
CA THR A 61 13.50 -7.11 0.65
C THR A 61 13.95 -7.89 1.87
N VAL A 62 14.33 -9.13 1.62
CA VAL A 62 14.96 -9.98 2.63
C VAL A 62 16.32 -10.44 2.09
N VAL A 63 17.38 -10.14 2.84
CA VAL A 63 18.73 -10.38 2.39
C VAL A 63 19.45 -11.29 3.38
N PRO A 64 19.63 -12.55 3.00
CA PRO A 64 20.38 -13.50 3.84
C PRO A 64 21.85 -13.10 3.96
N SER A 65 22.47 -13.47 5.06
CA SER A 65 23.87 -13.16 5.31
C SER A 65 24.79 -14.13 4.59
N ARG A 66 24.21 -15.14 3.94
CA ARG A 66 24.99 -16.13 3.21
C ARG A 66 24.07 -16.82 2.23
N PRO A 67 24.64 -17.43 1.16
CA PRO A 67 23.82 -18.11 0.15
C PRO A 67 22.97 -19.25 0.74
N VAL A 68 21.87 -19.54 0.06
CA VAL A 68 20.81 -20.38 0.60
C VAL A 68 20.41 -21.39 -0.47
N ARG A 69 20.09 -22.62 -0.08
CA ARG A 69 19.47 -23.53 -1.04
C ARG A 69 18.10 -22.96 -1.37
N LEU A 70 17.78 -22.90 -2.66
CA LEU A 70 16.64 -22.08 -3.11
C LEU A 70 15.31 -22.76 -3.55
N PRO A 71 15.37 -23.97 -4.17
CA PRO A 71 14.11 -24.56 -4.65
C PRO A 71 13.08 -24.76 -3.54
N HIS B 5 -2.20 -16.54 9.39
CA HIS B 5 -2.74 -15.92 10.60
C HIS B 5 -2.52 -16.77 11.84
N SER B 6 -1.87 -17.92 11.65
CA SER B 6 -1.61 -18.86 12.74
C SER B 6 -0.51 -18.34 13.66
N LEU B 7 0.18 -17.28 13.24
CA LEU B 7 1.18 -16.65 14.08
C LEU B 7 0.68 -15.30 14.60
N GLN B 8 0.28 -14.42 13.68
CA GLN B 8 -0.21 -13.09 14.05
C GLN B 8 -1.25 -13.07 15.19
N ASP B 9 -2.31 -13.85 15.04
CA ASP B 9 -3.43 -13.83 15.99
C ASP B 9 -3.07 -14.26 17.42
N PRO B 10 -2.45 -15.45 17.59
CA PRO B 10 -2.06 -15.75 18.98
C PRO B 10 -0.99 -14.80 19.51
N TYR B 11 -0.19 -14.24 18.62
CA TYR B 11 0.84 -13.32 19.07
C TYR B 11 0.19 -12.07 19.69
N LEU B 12 -0.78 -11.51 18.98
CA LEU B 12 -1.50 -10.33 19.46
C LEU B 12 -2.35 -10.67 20.68
N ASN B 13 -2.96 -11.85 20.63
CA ASN B 13 -3.83 -12.31 21.69
C ASN B 13 -3.10 -12.44 23.02
N THR B 14 -1.91 -13.03 22.98
CA THR B 14 -1.08 -13.19 24.18
C THR B 14 -0.67 -11.83 24.72
N LEU B 15 -0.27 -10.95 23.82
CA LEU B 15 0.07 -9.58 24.21
C LEU B 15 -1.15 -8.94 24.83
N ARG B 16 -2.31 -9.23 24.26
CA ARG B 16 -3.55 -8.68 24.78
C ARG B 16 -3.85 -9.21 26.19
N LYS B 17 -3.89 -10.53 26.33
CA LYS B 17 -4.22 -11.15 27.61
C LYS B 17 -3.26 -10.79 28.74
N GLU B 18 -1.99 -10.69 28.42
CA GLU B 18 -0.98 -10.52 29.44
C GLU B 18 -0.61 -9.06 29.63
N ARG B 19 -1.37 -8.18 29.00
CA ARG B 19 -1.21 -6.73 29.14
C ARG B 19 0.23 -6.29 28.91
N VAL B 20 0.87 -6.88 27.91
CA VAL B 20 2.26 -6.58 27.66
C VAL B 20 2.37 -5.22 26.97
N PRO B 21 3.14 -4.31 27.56
CA PRO B 21 3.41 -3.02 26.92
C PRO B 21 4.09 -3.27 25.60
N VAL B 22 3.66 -2.59 24.55
CA VAL B 22 4.28 -2.74 23.24
C VAL B 22 4.57 -1.38 22.63
N SER B 23 5.57 -1.37 21.75
CA SER B 23 5.80 -0.24 20.87
C SER B 23 5.41 -0.66 19.47
N ILE B 24 4.52 0.12 18.85
CA ILE B 24 4.11 -0.14 17.47
C ILE B 24 4.70 0.92 16.54
N TYR B 25 5.54 0.50 15.60
CA TYR B 25 6.16 1.41 14.67
C TYR B 25 5.35 1.49 13.39
N LEU B 26 4.94 2.69 13.00
CA LEU B 26 4.20 2.87 11.77
C LEU B 26 5.13 2.85 10.57
N VAL B 27 4.55 2.61 9.40
CA VAL B 27 5.31 2.63 8.16
C VAL B 27 5.94 4.01 7.91
N ASN B 28 5.37 5.06 8.51
CA ASN B 28 5.92 6.40 8.36
C ASN B 28 6.99 6.78 9.39
N GLY B 29 7.39 5.82 10.23
CA GLY B 29 8.46 6.05 11.20
C GLY B 29 8.04 6.49 12.60
N ILE B 30 6.76 6.79 12.77
CA ILE B 30 6.21 7.17 14.07
C ILE B 30 6.08 5.96 14.98
N LYS B 31 6.40 6.15 16.26
CA LYS B 31 6.23 5.12 17.29
C LYS B 31 5.00 5.33 18.17
N LEU B 32 4.09 4.37 18.17
CA LEU B 32 2.98 4.37 19.11
C LEU B 32 3.30 3.47 20.31
N GLN B 33 2.82 3.81 21.50
CA GLN B 33 3.06 2.94 22.65
C GLN B 33 1.81 2.65 23.46
N GLY B 34 1.85 1.57 24.24
CA GLY B 34 0.75 1.22 25.11
C GLY B 34 0.46 -0.27 25.09
N GLN B 35 -0.75 -0.62 25.50
CA GLN B 35 -1.16 -2.01 25.56
C GLN B 35 -2.31 -2.23 24.62
N ILE B 36 -2.41 -3.47 24.13
CA ILE B 36 -3.46 -3.87 23.22
C ILE B 36 -4.69 -4.23 24.00
N GLU B 37 -5.79 -3.55 23.70
CA GLU B 37 -7.06 -3.81 24.36
C GLU B 37 -7.84 -4.86 23.60
N SER B 38 -7.74 -4.78 22.28
CA SER B 38 -8.47 -5.67 21.38
C SER B 38 -7.89 -5.50 19.99
N PHE B 39 -8.35 -6.33 19.06
CA PHE B 39 -7.91 -6.25 17.68
C PHE B 39 -8.86 -7.08 16.84
N ASP B 40 -8.93 -6.79 15.54
CA ASP B 40 -9.55 -7.72 14.60
C ASP B 40 -8.66 -7.92 13.39
N GLN B 41 -9.25 -8.37 12.30
CA GLN B 41 -8.50 -8.71 11.11
C GLN B 41 -7.74 -7.52 10.56
N PHE B 42 -8.22 -6.30 10.83
CA PHE B 42 -7.71 -5.10 10.16
C PHE B 42 -7.15 -3.99 11.06
N VAL B 43 -7.63 -3.94 12.30
CA VAL B 43 -7.22 -2.88 13.22
C VAL B 43 -6.77 -3.41 14.57
N ILE B 44 -6.09 -2.56 15.31
CA ILE B 44 -5.66 -2.87 16.65
C ILE B 44 -6.09 -1.72 17.55
N LEU B 45 -6.78 -2.03 18.65
CA LEU B 45 -7.11 -0.98 19.60
C LEU B 45 -6.04 -0.88 20.68
N LEU B 46 -5.38 0.26 20.74
CA LEU B 46 -4.23 0.49 21.60
C LEU B 46 -4.61 1.49 22.69
N LYS B 47 -4.29 1.19 23.95
CA LYS B 47 -4.84 1.95 25.09
C LYS B 47 -3.82 2.62 26.01
N ASN B 48 -4.35 3.45 26.91
CA ASN B 48 -3.64 4.15 28.00
C ASN B 48 -3.24 5.60 27.71
N THR B 49 -1.93 5.89 27.74
CA THR B 49 -1.41 7.26 27.55
C THR B 49 -2.10 8.01 26.43
N VAL B 50 -2.34 7.30 25.33
CA VAL B 50 -3.31 7.73 24.35
C VAL B 50 -4.05 6.51 23.80
N SER B 51 -5.37 6.55 23.86
CA SER B 51 -6.20 5.45 23.39
C SER B 51 -6.61 5.70 21.93
N GLN B 52 -6.48 4.70 21.07
CA GLN B 52 -6.60 4.94 19.62
C GLN B 52 -6.71 3.68 18.78
N MET B 53 -7.43 3.76 17.66
CA MET B 53 -7.51 2.64 16.73
C MET B 53 -6.40 2.75 15.66
N VAL B 54 -5.63 1.67 15.48
CA VAL B 54 -4.55 1.65 14.49
C VAL B 54 -4.87 0.71 13.34
N TYR B 55 -4.82 1.20 12.10
CA TYR B 55 -4.95 0.33 10.94
C TYR B 55 -3.70 -0.56 10.73
N LYS B 56 -3.92 -1.86 10.60
CA LYS B 56 -2.79 -2.76 10.44
C LYS B 56 -1.93 -2.36 9.24
N HIS B 57 -2.58 -1.92 8.16
CA HIS B 57 -1.85 -1.60 6.93
C HIS B 57 -0.81 -0.51 7.10
N ALA B 58 -0.92 0.31 8.15
CA ALA B 58 0.04 1.38 8.38
C ALA B 58 1.15 0.93 9.33
N ILE B 59 1.04 -0.30 9.82
CA ILE B 59 2.03 -0.84 10.75
C ILE B 59 3.19 -1.53 10.03
N SER B 60 4.42 -1.18 10.43
CA SER B 60 5.58 -1.96 10.03
C SER B 60 5.92 -3.06 11.04
N THR B 61 6.18 -2.67 12.29
CA THR B 61 6.56 -3.64 13.31
C THR B 61 5.90 -3.48 14.68
N VAL B 62 5.64 -4.61 15.33
CA VAL B 62 5.21 -4.64 16.72
C VAL B 62 6.33 -5.20 17.61
N VAL B 63 6.88 -4.35 18.46
CA VAL B 63 7.96 -4.70 19.35
C VAL B 63 7.47 -4.73 20.81
N PRO B 64 7.17 -5.94 21.34
CA PRO B 64 6.73 -6.01 22.74
C PRO B 64 7.85 -5.60 23.67
N SER B 65 7.51 -5.16 24.86
CA SER B 65 8.54 -4.74 25.80
C SER B 65 9.28 -5.93 26.41
N ARG B 66 8.68 -7.11 26.30
CA ARG B 66 9.29 -8.36 26.76
C ARG B 66 8.81 -9.44 25.79
N PRO B 67 9.63 -10.47 25.55
CA PRO B 67 9.21 -11.52 24.61
C PRO B 67 7.95 -12.25 25.08
N VAL B 68 7.13 -12.73 24.14
CA VAL B 68 5.96 -13.51 24.51
C VAL B 68 6.09 -15.00 24.25
N ARG B 69 5.51 -15.78 25.16
CA ARG B 69 5.46 -17.23 25.03
C ARG B 69 4.14 -17.61 24.36
N LEU B 70 4.23 -18.20 23.17
CA LEU B 70 3.03 -18.60 22.42
C LEU B 70 2.45 -19.93 22.94
N PRO B 71 1.11 -20.05 22.91
CA PRO B 71 0.40 -21.27 23.34
C PRO B 71 0.39 -22.34 22.26
N SER C 6 -15.64 -5.96 12.74
CA SER C 6 -15.91 -6.78 13.91
C SER C 6 -15.59 -5.98 15.17
N LEU C 7 -14.56 -5.13 15.06
CA LEU C 7 -14.22 -4.18 16.10
C LEU C 7 -14.12 -2.76 15.48
N GLN C 8 -13.65 -2.71 14.23
CA GLN C 8 -13.58 -1.46 13.50
C GLN C 8 -14.97 -0.83 13.34
N ASP C 9 -15.94 -1.64 12.89
CA ASP C 9 -17.30 -1.15 12.71
C ASP C 9 -17.89 -0.52 13.96
N PRO C 10 -18.02 -1.30 15.06
CA PRO C 10 -18.66 -0.73 16.25
C PRO C 10 -17.90 0.47 16.82
N TYR C 11 -16.57 0.44 16.72
CA TYR C 11 -15.77 1.58 17.16
C TYR C 11 -16.11 2.83 16.36
N LEU C 12 -16.24 2.67 15.04
CA LEU C 12 -16.53 3.79 14.16
C LEU C 12 -17.99 4.24 14.31
N ASN C 13 -18.89 3.27 14.44
CA ASN C 13 -20.29 3.54 14.68
C ASN C 13 -20.53 4.26 16.01
N THR C 14 -19.84 3.80 17.05
CA THR C 14 -19.99 4.45 18.34
C THR C 14 -19.49 5.88 18.25
N LEU C 15 -18.35 6.07 17.60
CA LEU C 15 -17.83 7.42 17.40
C LEU C 15 -18.82 8.25 16.59
N ARG C 16 -19.44 7.61 15.61
CA ARG C 16 -20.42 8.27 14.76
C ARG C 16 -21.60 8.75 15.59
N LYS C 17 -22.33 7.81 16.14
CA LYS C 17 -23.55 8.07 16.91
C LYS C 17 -23.39 9.04 18.07
N GLU C 18 -22.25 9.01 18.73
CA GLU C 18 -22.02 9.89 19.86
C GLU C 18 -21.39 11.22 19.45
N ARG C 19 -21.21 11.39 18.14
CA ARG C 19 -20.70 12.65 17.60
C ARG C 19 -19.40 13.11 18.26
N VAL C 20 -18.57 12.12 18.57
CA VAL C 20 -17.31 12.39 19.22
C VAL C 20 -16.39 13.02 18.19
N PRO C 21 -15.73 14.12 18.57
CA PRO C 21 -14.79 14.72 17.63
C PRO C 21 -13.52 13.92 17.64
N VAL C 22 -12.99 13.61 16.45
CA VAL C 22 -11.89 12.68 16.31
C VAL C 22 -10.71 13.34 15.58
N SER C 23 -9.49 12.85 15.83
CA SER C 23 -8.35 13.22 15.02
C SER C 23 -7.91 12.01 14.18
N ILE C 24 -7.94 12.16 12.87
CA ILE C 24 -7.52 11.09 11.98
C ILE C 24 -6.16 11.39 11.38
N TYR C 25 -5.18 10.54 11.65
CA TYR C 25 -3.85 10.74 11.12
C TYR C 25 -3.64 9.90 9.87
N LEU C 26 -3.25 10.56 8.80
CA LEU C 26 -3.00 9.91 7.54
C LEU C 26 -1.60 9.32 7.60
N VAL C 27 -1.32 8.34 6.74
CA VAL C 27 0.02 7.73 6.72
C VAL C 27 1.10 8.73 6.33
N ASN C 28 0.72 9.81 5.64
CA ASN C 28 1.72 10.81 5.27
C ASN C 28 1.96 11.79 6.40
N GLY C 29 1.27 11.60 7.51
CA GLY C 29 1.46 12.44 8.68
C GLY C 29 0.48 13.59 8.82
N ILE C 30 -0.34 13.82 7.80
CA ILE C 30 -1.36 14.86 7.92
C ILE C 30 -2.41 14.45 8.98
N LYS C 31 -2.86 15.44 9.75
CA LYS C 31 -3.88 15.24 10.77
C LYS C 31 -5.20 15.86 10.28
N LEU C 32 -6.26 15.05 10.19
CA LEU C 32 -7.57 15.57 9.88
C LEU C 32 -8.39 15.63 11.16
N GLN C 33 -9.35 16.55 11.25
CA GLN C 33 -10.19 16.66 12.44
C GLN C 33 -11.64 16.90 12.10
N GLY C 34 -12.53 16.23 12.81
CA GLY C 34 -13.95 16.43 12.62
C GLY C 34 -14.79 15.40 13.32
N GLN C 35 -15.95 15.12 12.75
CA GLN C 35 -16.85 14.13 13.31
C GLN C 35 -17.17 13.13 12.21
N ILE C 36 -17.35 11.87 12.59
CA ILE C 36 -17.65 10.85 11.61
C ILE C 36 -19.13 10.89 11.27
N GLU C 37 -19.42 11.27 10.02
CA GLU C 37 -20.79 11.38 9.56
C GLU C 37 -21.33 10.02 9.17
N SER C 38 -20.47 9.22 8.54
CA SER C 38 -20.84 7.89 8.04
C SER C 38 -19.60 7.17 7.54
N PHE C 39 -19.75 5.91 7.16
CA PHE C 39 -18.62 5.13 6.65
C PHE C 39 -19.08 3.89 5.94
N ASP C 40 -18.19 3.29 5.16
CA ASP C 40 -18.45 1.99 4.56
C ASP C 40 -17.18 1.15 4.59
N GLN C 41 -17.14 0.12 3.77
CA GLN C 41 -15.98 -0.78 3.74
C GLN C 41 -14.65 -0.06 3.47
N PHE C 42 -14.66 0.96 2.61
CA PHE C 42 -13.39 1.53 2.15
C PHE C 42 -13.12 2.97 2.56
N VAL C 43 -14.18 3.71 2.82
CA VAL C 43 -13.99 5.13 3.12
C VAL C 43 -14.74 5.57 4.36
N ILE C 44 -14.36 6.75 4.85
CA ILE C 44 -15.00 7.45 5.96
C ILE C 44 -15.36 8.88 5.52
N LEU C 45 -16.58 9.30 5.85
CA LEU C 45 -17.01 10.68 5.62
C LEU C 45 -16.77 11.48 6.87
N LEU C 46 -15.83 12.42 6.81
CA LEU C 46 -15.47 13.20 7.98
C LEU C 46 -16.08 14.59 7.86
N LYS C 47 -16.98 14.91 8.78
CA LYS C 47 -17.71 16.18 8.76
C LYS C 47 -16.95 17.33 9.39
N ASN C 48 -16.93 18.44 8.65
CA ASN C 48 -16.65 19.76 9.22
C ASN C 48 -17.23 20.86 8.32
N THR C 49 -16.38 21.79 7.87
CA THR C 49 -16.85 22.87 6.99
C THR C 49 -17.61 22.33 5.77
N VAL C 50 -16.95 21.51 4.96
CA VAL C 50 -17.64 20.59 4.06
C VAL C 50 -17.33 19.21 4.59
N SER C 51 -18.03 18.20 4.08
CA SER C 51 -17.69 16.84 4.48
C SER C 51 -16.69 16.30 3.46
N GLN C 52 -15.57 15.76 3.94
CA GLN C 52 -14.59 15.17 3.04
C GLN C 52 -14.60 13.65 3.09
N MET C 53 -14.28 13.04 1.96
CA MET C 53 -14.21 11.59 1.89
C MET C 53 -12.77 11.09 2.09
N VAL C 54 -12.59 10.24 3.10
CA VAL C 54 -11.27 9.77 3.46
C VAL C 54 -11.18 8.30 3.13
N TYR C 55 -10.16 7.92 2.37
CA TYR C 55 -9.92 6.53 2.09
C TYR C 55 -9.25 5.87 3.28
N LYS C 56 -9.84 4.78 3.75
CA LYS C 56 -9.26 4.03 4.86
C LYS C 56 -7.79 3.67 4.59
N HIS C 57 -7.47 3.22 3.36
CA HIS C 57 -6.10 2.85 2.99
C HIS C 57 -5.10 3.96 3.29
N ALA C 58 -5.55 5.20 3.33
CA ALA C 58 -4.64 6.29 3.66
C ALA C 58 -4.52 6.53 5.17
N ILE C 59 -5.42 5.95 5.96
CA ILE C 59 -5.42 6.24 7.40
C ILE C 59 -4.41 5.39 8.16
N SER C 60 -3.64 6.04 9.03
CA SER C 60 -2.83 5.30 10.00
C SER C 60 -3.59 5.10 11.33
N THR C 61 -3.89 6.18 12.05
CA THR C 61 -4.66 6.06 13.30
C THR C 61 -5.88 6.95 13.34
N VAL C 62 -6.83 6.57 14.19
CA VAL C 62 -8.02 7.32 14.51
C VAL C 62 -8.02 7.56 16.02
N VAL C 63 -7.91 8.82 16.45
CA VAL C 63 -7.88 9.13 17.88
C VAL C 63 -9.05 10.01 18.29
N PRO C 64 -9.96 9.47 19.10
CA PRO C 64 -11.10 10.23 19.64
C PRO C 64 -10.65 11.25 20.67
N SER C 65 -11.32 12.40 20.73
CA SER C 65 -10.95 13.44 21.69
C SER C 65 -11.34 13.10 23.14
N ARG C 66 -12.31 12.20 23.31
CA ARG C 66 -12.72 11.75 24.64
C ARG C 66 -12.96 10.24 24.63
N PRO C 67 -12.86 9.59 25.79
CA PRO C 67 -12.92 8.11 25.85
C PRO C 67 -14.20 7.47 25.32
N VAL C 68 -13.99 6.41 24.54
CA VAL C 68 -15.06 5.65 23.88
C VAL C 68 -15.44 4.44 24.72
N ARG C 69 -16.73 4.28 24.98
CA ARG C 69 -17.21 3.08 25.63
C ARG C 69 -17.67 2.10 24.54
N LEU C 70 -16.92 1.02 24.38
CA LEU C 70 -17.32 -0.04 23.46
C LEU C 70 -18.52 -0.81 24.04
N PRO C 71 -19.56 -1.00 23.22
CA PRO C 71 -20.78 -1.71 23.61
C PRO C 71 -20.55 -3.18 23.93
N HIS D 5 -18.72 -0.50 0.38
CA HIS D 5 -18.58 0.17 -0.90
C HIS D 5 -19.80 1.04 -1.23
N SER D 6 -20.89 0.77 -0.50
CA SER D 6 -22.19 1.39 -0.75
C SER D 6 -22.24 2.91 -0.58
N LEU D 7 -21.12 3.55 -0.27
CA LEU D 7 -21.14 4.99 0.04
C LEU D 7 -20.21 5.81 -0.86
N GLN D 8 -19.09 5.20 -1.24
CA GLN D 8 -18.14 5.88 -2.11
C GLN D 8 -18.76 6.22 -3.47
N ASP D 9 -19.49 5.27 -4.04
CA ASP D 9 -20.11 5.44 -5.34
C ASP D 9 -21.08 6.63 -5.44
N PRO D 10 -22.13 6.68 -4.58
CA PRO D 10 -23.08 7.79 -4.68
C PRO D 10 -22.41 9.14 -4.46
N TYR D 11 -21.41 9.16 -3.60
CA TYR D 11 -20.72 10.39 -3.28
C TYR D 11 -19.97 10.91 -4.52
N LEU D 12 -19.22 10.02 -5.16
CA LEU D 12 -18.50 10.36 -6.39
C LEU D 12 -19.48 10.71 -7.51
N ASN D 13 -20.55 9.94 -7.64
CA ASN D 13 -21.55 10.22 -8.66
C ASN D 13 -22.15 11.62 -8.49
N THR D 14 -22.39 12.01 -7.25
CA THR D 14 -22.98 13.32 -6.99
C THR D 14 -22.02 14.42 -7.42
N LEU D 15 -20.76 14.27 -7.03
CA LEU D 15 -19.73 15.19 -7.43
C LEU D 15 -19.63 15.25 -8.95
N ARG D 16 -19.75 14.09 -9.59
CA ARG D 16 -19.67 14.01 -11.05
C ARG D 16 -20.84 14.73 -11.74
N LYS D 17 -22.05 14.34 -11.40
CA LYS D 17 -23.25 14.83 -12.07
C LYS D 17 -23.51 16.31 -11.83
N GLU D 18 -23.16 16.80 -10.65
CA GLU D 18 -23.31 18.22 -10.37
C GLU D 18 -22.05 19.00 -10.75
N ARG D 19 -21.05 18.28 -11.26
CA ARG D 19 -19.83 18.91 -11.77
C ARG D 19 -19.21 19.83 -10.70
N VAL D 20 -19.21 19.35 -9.46
CA VAL D 20 -18.69 20.10 -8.32
C VAL D 20 -17.18 20.19 -8.34
N PRO D 21 -16.65 21.41 -8.24
CA PRO D 21 -15.19 21.57 -8.13
C PRO D 21 -14.67 20.88 -6.87
N VAL D 22 -13.60 20.10 -7.01
CA VAL D 22 -13.06 19.31 -5.91
C VAL D 22 -11.57 19.41 -5.83
N SER D 23 -11.04 19.24 -4.63
CA SER D 23 -9.62 19.01 -4.47
C SER D 23 -9.43 17.55 -4.10
N ILE D 24 -8.41 16.94 -4.66
CA ILE D 24 -8.11 15.56 -4.35
C ILE D 24 -6.75 15.51 -3.73
N TYR D 25 -6.65 14.98 -2.52
CA TYR D 25 -5.35 14.91 -1.87
C TYR D 25 -4.76 13.52 -2.00
N LEU D 26 -3.55 13.46 -2.54
CA LEU D 26 -2.89 12.19 -2.75
C LEU D 26 -2.18 11.72 -1.48
N VAL D 27 -1.94 10.41 -1.40
CA VAL D 27 -1.28 9.82 -0.25
C VAL D 27 0.13 10.41 -0.03
N ASN D 28 0.74 10.92 -1.10
CA ASN D 28 2.05 11.54 -0.97
C ASN D 28 2.00 13.03 -0.67
N GLY D 29 0.80 13.56 -0.43
CA GLY D 29 0.65 14.94 -0.02
C GLY D 29 0.34 15.91 -1.15
N ILE D 30 0.50 15.47 -2.39
CA ILE D 30 0.20 16.35 -3.51
C ILE D 30 -1.29 16.69 -3.57
N LYS D 31 -1.62 17.95 -3.86
CA LYS D 31 -3.01 18.35 -4.07
C LYS D 31 -3.30 18.55 -5.55
N LEU D 32 -4.35 17.88 -6.00
CA LEU D 32 -4.85 18.04 -7.35
C LEU D 32 -6.19 18.75 -7.22
N GLN D 33 -6.51 19.60 -8.19
CA GLN D 33 -7.80 20.30 -8.23
C GLN D 33 -8.48 20.14 -9.58
N GLY D 34 -9.80 20.09 -9.58
CA GLY D 34 -10.57 19.95 -10.79
C GLY D 34 -12.00 19.50 -10.54
N GLN D 35 -12.45 18.54 -11.33
CA GLN D 35 -13.81 18.06 -11.22
C GLN D 35 -13.80 16.61 -11.66
N ILE D 36 -14.66 15.79 -11.05
CA ILE D 36 -14.69 14.38 -11.39
C ILE D 36 -15.46 14.12 -12.67
N GLU D 37 -14.73 13.72 -13.71
CA GLU D 37 -15.34 13.48 -15.01
C GLU D 37 -16.07 12.15 -14.99
N SER D 38 -15.39 11.14 -14.50
CA SER D 38 -15.97 9.81 -14.37
C SER D 38 -15.09 9.00 -13.42
N PHE D 39 -15.50 7.76 -13.17
CA PHE D 39 -14.75 6.89 -12.28
C PHE D 39 -15.23 5.45 -12.42
N ASP D 40 -14.40 4.51 -12.01
CA ASP D 40 -14.84 3.12 -11.85
C ASP D 40 -14.34 2.60 -10.52
N GLN D 41 -14.23 1.28 -10.39
CA GLN D 41 -13.81 0.68 -9.12
C GLN D 41 -12.43 1.11 -8.65
N PHE D 42 -11.52 1.39 -9.58
CA PHE D 42 -10.12 1.62 -9.21
C PHE D 42 -9.59 3.01 -9.52
N VAL D 43 -10.18 3.65 -10.52
CA VAL D 43 -9.62 4.93 -10.96
C VAL D 43 -10.67 6.02 -11.04
N ILE D 44 -10.17 7.24 -11.03
CA ILE D 44 -11.00 8.42 -11.18
C ILE D 44 -10.34 9.23 -12.28
N LEU D 45 -11.15 9.69 -13.22
CA LEU D 45 -10.72 10.58 -14.26
C LEU D 45 -10.97 11.99 -13.78
N LEU D 46 -9.91 12.76 -13.60
CA LEU D 46 -10.03 14.08 -13.07
C LEU D 46 -9.84 15.07 -14.20
N LYS D 47 -10.85 15.89 -14.44
CA LYS D 47 -10.78 16.88 -15.50
C LYS D 47 -10.21 18.21 -15.02
N ASN D 48 -9.31 18.76 -15.84
CA ASN D 48 -9.06 20.19 -15.89
C ASN D 48 -8.28 20.65 -17.12
N THR D 49 -7.40 21.63 -16.97
CA THR D 49 -6.62 22.15 -18.10
C THR D 49 -5.95 21.01 -18.84
N VAL D 50 -5.52 20.02 -18.08
CA VAL D 50 -5.11 18.74 -18.62
C VAL D 50 -5.81 17.67 -17.78
N SER D 51 -6.67 16.88 -18.43
CA SER D 51 -7.28 15.72 -17.80
C SER D 51 -6.24 14.65 -17.43
N GLN D 52 -6.57 13.81 -16.45
CA GLN D 52 -5.66 12.74 -16.01
C GLN D 52 -6.38 11.67 -15.25
N MET D 53 -5.78 10.48 -15.24
CA MET D 53 -6.34 9.33 -14.54
C MET D 53 -5.63 9.14 -13.20
N VAL D 54 -6.42 9.03 -12.13
CA VAL D 54 -5.88 8.97 -10.79
C VAL D 54 -6.27 7.63 -10.19
N TYR D 55 -5.29 6.82 -9.77
CA TYR D 55 -5.62 5.58 -9.07
C TYR D 55 -6.14 5.88 -7.67
N LYS D 56 -7.25 5.26 -7.30
CA LYS D 56 -7.79 5.45 -5.95
C LYS D 56 -6.76 5.14 -4.86
N HIS D 57 -5.91 4.14 -5.09
CA HIS D 57 -4.92 3.75 -4.08
C HIS D 57 -3.96 4.88 -3.76
N ALA D 58 -3.85 5.85 -4.66
CA ALA D 58 -2.94 6.96 -4.43
C ALA D 58 -3.64 8.17 -3.79
N ILE D 59 -4.96 8.05 -3.59
CA ILE D 59 -5.74 9.13 -2.99
C ILE D 59 -5.90 8.96 -1.49
N SER D 60 -5.67 10.03 -0.74
CA SER D 60 -5.97 10.02 0.69
C SER D 60 -7.36 10.63 0.95
N THR D 61 -7.64 11.78 0.33
CA THR D 61 -8.93 12.42 0.53
C THR D 61 -9.48 13.26 -0.65
N VAL D 62 -10.79 13.16 -0.82
CA VAL D 62 -11.56 13.95 -1.78
C VAL D 62 -12.34 15.04 -1.04
N VAL D 63 -12.10 16.29 -1.39
CA VAL D 63 -12.70 17.42 -0.70
C VAL D 63 -13.41 18.39 -1.65
N PRO D 64 -14.75 18.34 -1.66
CA PRO D 64 -15.54 19.25 -2.49
C PRO D 64 -15.37 20.69 -2.02
N SER D 65 -15.42 21.64 -2.96
CA SER D 65 -15.26 23.06 -2.67
C SER D 65 -16.46 23.68 -1.97
N ARG D 66 -17.63 23.07 -2.12
CA ARG D 66 -18.84 23.52 -1.40
C ARG D 66 -19.54 22.29 -0.81
N PRO D 67 -20.44 22.51 0.17
CA PRO D 67 -21.20 21.37 0.71
C PRO D 67 -22.04 20.69 -0.36
N VAL D 68 -22.22 19.38 -0.26
CA VAL D 68 -23.01 18.64 -1.22
C VAL D 68 -24.04 17.73 -0.54
N ARG D 69 -25.10 17.40 -1.27
CA ARG D 69 -26.08 16.38 -0.88
C ARG D 69 -25.41 15.12 -0.33
N LEU D 70 -26.04 14.47 0.65
CA LEU D 70 -25.47 13.24 1.22
C LEU D 70 -26.51 12.12 1.30
N GLY E 4 -16.28 -1.84 -12.88
CA GLY E 4 -15.16 -2.75 -12.74
C GLY E 4 -13.86 -2.11 -13.20
N HIS E 5 -13.45 -2.44 -14.42
CA HIS E 5 -12.32 -1.78 -15.10
C HIS E 5 -12.86 -0.91 -16.25
N SER E 6 -14.16 -0.60 -16.18
CA SER E 6 -14.91 0.01 -17.29
C SER E 6 -14.41 1.38 -17.72
N LEU E 7 -13.61 2.01 -16.89
CA LEU E 7 -12.96 3.27 -17.26
C LEU E 7 -11.47 3.04 -17.58
N GLN E 8 -10.76 2.39 -16.67
CA GLN E 8 -9.32 2.17 -16.78
C GLN E 8 -8.90 1.51 -18.09
N ASP E 9 -9.50 0.36 -18.38
CA ASP E 9 -9.13 -0.41 -19.57
C ASP E 9 -9.24 0.41 -20.87
N PRO E 10 -10.44 0.94 -21.20
CA PRO E 10 -10.56 1.74 -22.43
C PRO E 10 -9.64 2.95 -22.45
N TYR E 11 -9.36 3.50 -21.28
CA TYR E 11 -8.44 4.63 -21.20
C TYR E 11 -7.03 4.21 -21.58
N LEU E 12 -6.50 3.20 -20.88
CA LEU E 12 -5.16 2.71 -21.21
C LEU E 12 -5.16 2.19 -22.62
N ASN E 13 -6.20 1.44 -22.99
CA ASN E 13 -6.28 0.91 -24.34
C ASN E 13 -6.24 1.99 -25.42
N THR E 14 -7.00 3.07 -25.23
CA THR E 14 -6.97 4.16 -26.17
C THR E 14 -5.58 4.77 -26.25
N LEU E 15 -4.94 4.97 -25.10
CA LEU E 15 -3.60 5.52 -25.12
C LEU E 15 -2.66 4.55 -25.84
N ARG E 16 -2.94 3.25 -25.74
CA ARG E 16 -2.10 2.24 -26.36
C ARG E 16 -2.21 2.29 -27.89
N LYS E 17 -3.42 2.10 -28.38
CA LYS E 17 -3.70 2.10 -29.81
C LYS E 17 -3.27 3.37 -30.56
N GLU E 18 -3.36 4.52 -29.90
CA GLU E 18 -3.11 5.78 -30.57
C GLU E 18 -1.72 6.29 -30.27
N ARG E 19 -0.96 5.47 -29.54
CA ARG E 19 0.44 5.73 -29.23
C ARG E 19 0.68 7.11 -28.62
N VAL E 20 -0.25 7.54 -27.79
CA VAL E 20 -0.20 8.86 -27.18
C VAL E 20 0.93 8.95 -26.17
N PRO E 21 1.85 9.91 -26.37
CA PRO E 21 2.90 10.11 -25.38
C PRO E 21 2.26 10.44 -24.04
N VAL E 22 2.68 9.74 -22.99
CA VAL E 22 2.11 9.94 -21.67
C VAL E 22 3.18 10.19 -20.66
N SER E 23 2.82 10.84 -19.57
CA SER E 23 3.67 10.90 -18.41
C SER E 23 3.00 10.14 -17.28
N ILE E 24 3.70 9.15 -16.71
CA ILE E 24 3.20 8.42 -15.55
C ILE E 24 3.89 8.89 -14.28
N TYR E 25 3.11 9.31 -13.30
CA TYR E 25 3.64 9.80 -12.04
C TYR E 25 3.49 8.75 -10.95
N LEU E 26 4.61 8.42 -10.30
CA LEU E 26 4.63 7.43 -9.23
C LEU E 26 4.36 8.07 -7.86
N VAL E 27 3.94 7.26 -6.89
CA VAL E 27 3.65 7.77 -5.56
C VAL E 27 4.86 8.42 -4.88
N ASN E 28 6.07 7.98 -5.23
CA ASN E 28 7.28 8.61 -4.71
C ASN E 28 7.59 9.93 -5.39
N GLY E 29 6.90 10.20 -6.49
CA GLY E 29 7.04 11.47 -7.16
C GLY E 29 7.88 11.40 -8.42
N ILE E 30 8.35 10.22 -8.78
CA ILE E 30 9.10 10.06 -10.04
C ILE E 30 8.16 10.24 -11.22
N LYS E 31 8.63 10.95 -12.25
CA LYS E 31 7.89 11.11 -13.49
C LYS E 31 8.46 10.20 -14.57
N LEU E 32 7.67 9.22 -15.01
CA LEU E 32 8.06 8.34 -16.10
C LEU E 32 7.47 8.86 -17.40
N GLN E 33 8.19 8.68 -18.51
CA GLN E 33 7.69 9.16 -19.78
C GLN E 33 7.85 8.16 -20.91
N GLY E 34 6.87 8.14 -21.79
CA GLY E 34 6.90 7.21 -22.90
C GLY E 34 5.51 7.04 -23.49
N GLN E 35 5.22 5.81 -23.89
CA GLN E 35 3.91 5.51 -24.42
C GLN E 35 3.50 4.15 -23.89
N ILE E 36 2.21 3.91 -23.82
CA ILE E 36 1.78 2.65 -23.27
C ILE E 36 1.88 1.57 -24.31
N GLU E 37 2.67 0.55 -24.00
CA GLU E 37 2.92 -0.52 -24.94
C GLU E 37 1.95 -1.66 -24.72
N SER E 38 1.55 -1.86 -23.46
CA SER E 38 0.79 -3.04 -23.04
C SER E 38 0.43 -2.85 -21.58
N PHE E 39 -0.56 -3.62 -21.12
CA PHE E 39 -0.98 -3.56 -19.73
C PHE E 39 -1.80 -4.79 -19.40
N ASP E 40 -1.74 -5.24 -18.15
CA ASP E 40 -2.64 -6.28 -17.69
C ASP E 40 -3.30 -5.75 -16.43
N GLN E 41 -3.99 -6.58 -15.67
CA GLN E 41 -4.66 -6.05 -14.50
C GLN E 41 -3.73 -5.51 -13.38
N PHE E 42 -2.44 -5.83 -13.44
CA PHE E 42 -1.50 -5.36 -12.41
C PHE E 42 -0.34 -4.48 -12.90
N VAL E 43 0.05 -4.63 -14.16
CA VAL E 43 1.19 -3.84 -14.61
C VAL E 43 0.93 -3.09 -15.91
N ILE E 44 1.81 -2.15 -16.20
CA ILE E 44 1.82 -1.45 -17.47
C ILE E 44 3.24 -1.46 -18.03
N LEU E 45 3.38 -1.89 -19.27
CA LEU E 45 4.67 -1.79 -19.96
C LEU E 45 4.85 -0.41 -20.57
N LEU E 46 5.79 0.37 -20.04
CA LEU E 46 6.03 1.71 -20.55
C LEU E 46 7.22 1.71 -21.49
N LYS E 47 7.00 2.13 -22.72
CA LYS E 47 8.06 2.14 -23.70
C LYS E 47 8.81 3.46 -23.74
N ASN E 48 10.14 3.38 -23.65
CA ASN E 48 11.04 4.38 -24.22
C ASN E 48 12.39 3.86 -24.71
N THR E 49 13.47 4.12 -23.97
CA THR E 49 14.76 3.46 -24.25
C THR E 49 14.54 1.96 -24.44
N VAL E 50 14.02 1.34 -23.39
CA VAL E 50 13.52 -0.01 -23.45
C VAL E 50 12.10 0.04 -22.90
N SER E 51 11.46 -1.11 -22.80
CA SER E 51 10.13 -1.15 -22.21
C SER E 51 10.20 -1.56 -20.75
N GLN E 52 10.03 -0.60 -19.84
CA GLN E 52 10.02 -0.95 -18.43
C GLN E 52 8.62 -1.38 -17.96
N MET E 53 8.60 -2.31 -17.01
CA MET E 53 7.34 -2.76 -16.42
C MET E 53 7.06 -1.96 -15.16
N VAL E 54 5.88 -1.34 -15.12
CA VAL E 54 5.53 -0.48 -14.00
C VAL E 54 4.40 -1.14 -13.22
N TYR E 55 4.57 -1.28 -11.92
CA TYR E 55 3.45 -1.81 -11.14
C TYR E 55 2.37 -0.74 -10.89
N LYS E 56 1.13 -1.06 -11.26
CA LYS E 56 0.02 -0.14 -11.02
C LYS E 56 -0.03 0.36 -9.58
N HIS E 57 0.23 -0.53 -8.62
CA HIS E 57 0.18 -0.13 -7.21
C HIS E 57 1.15 0.99 -6.89
N ALA E 58 2.16 1.17 -7.74
CA ALA E 58 3.12 2.23 -7.51
C ALA E 58 2.72 3.54 -8.21
N ILE E 59 1.72 3.49 -9.09
CA ILE E 59 1.33 4.67 -9.86
C ILE E 59 0.36 5.59 -9.10
N SER E 60 0.63 6.88 -9.17
CA SER E 60 -0.27 7.91 -8.67
C SER E 60 -1.22 8.35 -9.79
N THR E 61 -0.68 9.04 -10.78
CA THR E 61 -1.49 9.49 -11.91
C THR E 61 -0.93 9.16 -13.29
N VAL E 62 -1.81 9.03 -14.26
CA VAL E 62 -1.41 8.95 -15.65
C VAL E 62 -1.95 10.19 -16.38
N VAL E 63 -1.04 10.94 -17.00
CA VAL E 63 -1.36 12.20 -17.62
C VAL E 63 -0.93 12.21 -19.09
N PRO E 64 -1.91 12.15 -20.01
CA PRO E 64 -1.53 12.19 -21.43
C PRO E 64 -0.99 13.56 -21.83
N SER E 65 -0.17 13.60 -22.87
CA SER E 65 0.44 14.83 -23.36
C SER E 65 -0.53 15.63 -24.25
N ARG E 66 -1.65 15.03 -24.59
CA ARG E 66 -2.71 15.72 -25.33
C ARG E 66 -4.04 15.11 -24.93
N PRO E 67 -5.14 15.85 -25.16
CA PRO E 67 -6.48 15.35 -24.84
C PRO E 67 -6.83 14.05 -25.55
N VAL E 68 -7.76 13.29 -25.00
CA VAL E 68 -8.04 11.96 -25.49
C VAL E 68 -9.53 11.67 -25.45
N ARG E 69 -10.05 11.14 -26.56
CA ARG E 69 -11.44 10.75 -26.62
C ARG E 69 -11.60 9.31 -26.20
N LEU E 70 -12.28 9.09 -25.08
CA LEU E 70 -12.71 7.76 -24.72
C LEU E 70 -13.71 7.31 -25.78
N PRO E 71 -13.62 6.04 -26.23
CA PRO E 71 -14.46 5.45 -27.28
C PRO E 71 -15.95 5.77 -27.16
N LYS F 3 0.43 -8.59 -9.14
CA LYS F 3 1.02 -9.74 -8.47
C LYS F 3 1.41 -10.87 -9.41
N GLY F 4 0.45 -11.39 -10.19
CA GLY F 4 0.72 -12.41 -11.20
C GLY F 4 -0.38 -12.44 -12.23
N HIS F 5 -0.07 -12.06 -13.48
CA HIS F 5 -1.13 -11.94 -14.49
C HIS F 5 -0.68 -12.00 -15.97
N SER F 6 -1.62 -11.64 -16.85
CA SER F 6 -1.55 -11.85 -18.30
C SER F 6 -0.25 -11.47 -19.01
N LEU F 7 0.42 -10.41 -18.58
CA LEU F 7 1.70 -10.08 -19.21
C LEU F 7 2.89 -9.88 -18.26
N GLN F 8 2.61 -9.65 -16.97
CA GLN F 8 3.68 -9.62 -15.98
C GLN F 8 4.50 -10.92 -15.98
N ASP F 9 3.83 -12.07 -15.97
CA ASP F 9 4.53 -13.36 -15.94
C ASP F 9 5.46 -13.56 -17.14
N PRO F 10 4.91 -13.59 -18.38
CA PRO F 10 5.76 -13.81 -19.57
C PRO F 10 6.94 -12.85 -19.62
N TYR F 11 6.67 -11.58 -19.33
CA TYR F 11 7.72 -10.60 -19.27
C TYR F 11 8.77 -10.99 -18.23
N LEU F 12 8.37 -11.28 -17.01
CA LEU F 12 9.37 -11.64 -16.01
C LEU F 12 10.05 -12.97 -16.36
N ASN F 13 9.28 -13.89 -16.93
CA ASN F 13 9.83 -15.17 -17.34
C ASN F 13 10.87 -14.99 -18.43
N THR F 14 10.61 -14.09 -19.35
CA THR F 14 11.60 -13.77 -20.38
C THR F 14 12.90 -13.22 -19.79
N LEU F 15 12.78 -12.32 -18.81
CA LEU F 15 13.95 -11.74 -18.19
C LEU F 15 14.74 -12.81 -17.42
N ARG F 16 14.01 -13.74 -16.82
CA ARG F 16 14.63 -14.84 -16.11
C ARG F 16 15.41 -15.70 -17.08
N LYS F 17 14.71 -16.21 -18.08
CA LYS F 17 15.28 -17.16 -19.04
C LYS F 17 16.45 -16.62 -19.86
N GLU F 18 16.38 -15.36 -20.26
CA GLU F 18 17.44 -14.75 -21.05
C GLU F 18 18.51 -14.18 -20.14
N ARG F 19 18.29 -14.32 -18.85
CA ARG F 19 19.24 -13.90 -17.82
C ARG F 19 19.72 -12.47 -18.02
N VAL F 20 18.78 -11.60 -18.38
CA VAL F 20 19.08 -10.20 -18.65
C VAL F 20 19.23 -9.43 -17.35
N PRO F 21 20.34 -8.73 -17.18
CA PRO F 21 20.46 -7.93 -15.96
C PRO F 21 19.35 -6.89 -15.92
N VAL F 22 18.70 -6.72 -14.77
CA VAL F 22 17.70 -5.69 -14.62
C VAL F 22 18.03 -4.73 -13.50
N SER F 23 17.46 -3.54 -13.59
CA SER F 23 17.36 -2.66 -12.43
C SER F 23 15.92 -2.73 -11.90
N ILE F 24 15.82 -2.91 -10.60
CA ILE F 24 14.53 -2.90 -9.92
C ILE F 24 14.46 -1.67 -9.02
N TYR F 25 13.56 -0.76 -9.30
CA TYR F 25 13.41 0.43 -8.45
C TYR F 25 12.29 0.19 -7.45
N LEU F 26 12.58 0.47 -6.19
CA LEU F 26 11.60 0.30 -5.11
C LEU F 26 10.78 1.58 -4.91
N VAL F 27 9.60 1.43 -4.31
CA VAL F 27 8.70 2.56 -4.04
C VAL F 27 9.35 3.68 -3.24
N ASN F 28 10.40 3.36 -2.49
CA ASN F 28 11.13 4.37 -1.75
C ASN F 28 12.32 4.94 -2.50
N GLY F 29 12.43 4.62 -3.79
CA GLY F 29 13.49 5.17 -4.61
C GLY F 29 14.79 4.37 -4.67
N ILE F 30 14.95 3.41 -3.77
CA ILE F 30 16.18 2.61 -3.75
C ILE F 30 16.22 1.76 -5.00
N LYS F 31 17.42 1.56 -5.53
CA LYS F 31 17.62 0.79 -6.75
C LYS F 31 18.38 -0.51 -6.49
N LEU F 32 17.77 -1.63 -6.84
CA LEU F 32 18.43 -2.93 -6.76
C LEU F 32 18.86 -3.34 -8.18
N GLN F 33 19.93 -4.14 -8.29
CA GLN F 33 20.38 -4.66 -9.60
C GLN F 33 20.72 -6.13 -9.52
N GLY F 34 20.49 -6.85 -10.62
CA GLY F 34 20.74 -8.28 -10.64
C GLY F 34 20.00 -9.01 -11.74
N GLN F 35 19.95 -10.33 -11.63
CA GLN F 35 19.22 -11.16 -12.58
C GLN F 35 18.06 -11.81 -11.86
N ILE F 36 16.94 -11.98 -12.54
CA ILE F 36 15.82 -12.63 -11.91
C ILE F 36 16.05 -14.12 -11.95
N GLU F 37 16.31 -14.70 -10.78
CA GLU F 37 16.48 -16.13 -10.67
C GLU F 37 15.13 -16.82 -10.81
N SER F 38 14.12 -16.30 -10.10
CA SER F 38 12.80 -16.90 -10.07
C SER F 38 11.78 -15.93 -9.49
N PHE F 39 10.50 -16.29 -9.54
CA PHE F 39 9.45 -15.41 -9.05
C PHE F 39 8.15 -16.17 -8.86
N ASP F 40 7.33 -15.72 -7.93
CA ASP F 40 5.99 -16.26 -7.79
C ASP F 40 4.97 -15.12 -7.81
N GLN F 41 3.79 -15.38 -7.28
CA GLN F 41 2.75 -14.36 -7.28
C GLN F 41 3.16 -13.13 -6.48
N PHE F 42 3.94 -13.32 -5.42
CA PHE F 42 4.20 -12.23 -4.50
C PHE F 42 5.65 -11.73 -4.46
N VAL F 43 6.60 -12.58 -4.82
CA VAL F 43 8.01 -12.20 -4.71
C VAL F 43 8.82 -12.44 -5.98
N ILE F 44 10.04 -11.94 -5.95
CA ILE F 44 10.98 -12.07 -7.03
C ILE F 44 12.33 -12.27 -6.37
N LEU F 45 13.02 -13.33 -6.78
CA LEU F 45 14.36 -13.60 -6.28
C LEU F 45 15.37 -12.94 -7.19
N LEU F 46 16.18 -12.05 -6.62
CA LEU F 46 17.13 -11.27 -7.39
C LEU F 46 18.57 -11.63 -6.99
N LYS F 47 19.34 -12.08 -7.96
CA LYS F 47 20.65 -12.65 -7.68
C LYS F 47 21.84 -11.70 -7.88
N ASN F 48 22.75 -11.67 -6.92
CA ASN F 48 24.09 -11.14 -7.15
C ASN F 48 25.18 -11.89 -6.38
N THR F 49 25.47 -11.44 -5.16
CA THR F 49 26.38 -12.19 -4.29
C THR F 49 25.64 -13.37 -3.69
N VAL F 50 24.82 -13.07 -2.69
CA VAL F 50 23.73 -13.96 -2.33
C VAL F 50 22.51 -13.38 -3.03
N SER F 51 21.46 -14.18 -3.19
CA SER F 51 20.24 -13.66 -3.78
C SER F 51 19.58 -12.65 -2.83
N GLN F 52 18.39 -12.21 -3.16
CA GLN F 52 17.54 -11.52 -2.20
C GLN F 52 16.12 -11.71 -2.63
N MET F 53 15.23 -11.85 -1.66
CA MET F 53 13.82 -11.94 -1.97
C MET F 53 13.20 -10.54 -1.88
N VAL F 54 12.66 -10.07 -3.00
CA VAL F 54 12.08 -8.75 -3.08
C VAL F 54 10.57 -8.85 -3.19
N TYR F 55 9.84 -8.19 -2.29
CA TYR F 55 8.38 -8.20 -2.38
C TYR F 55 7.88 -7.36 -3.54
N LYS F 56 7.00 -7.94 -4.34
CA LYS F 56 6.43 -7.22 -5.47
C LYS F 56 5.77 -5.91 -5.02
N HIS F 57 4.99 -5.99 -3.93
CA HIS F 57 4.32 -4.81 -3.36
C HIS F 57 5.25 -3.62 -3.08
N ALA F 58 6.55 -3.88 -3.02
CA ALA F 58 7.47 -2.78 -2.80
C ALA F 58 8.20 -2.33 -4.07
N ILE F 59 7.88 -2.95 -5.21
CA ILE F 59 8.57 -2.59 -6.45
C ILE F 59 7.76 -1.55 -7.22
N SER F 60 8.40 -0.48 -7.65
CA SER F 60 7.68 0.42 -8.54
C SER F 60 7.86 0.00 -9.99
N THR F 61 9.11 -0.21 -10.39
CA THR F 61 9.39 -0.53 -11.78
C THR F 61 10.57 -1.52 -11.99
N VAL F 62 10.42 -2.39 -12.98
CA VAL F 62 11.51 -3.25 -13.43
C VAL F 62 12.04 -2.80 -14.80
N VAL F 63 13.31 -2.38 -14.84
CA VAL F 63 13.92 -1.89 -16.08
C VAL F 63 15.06 -2.77 -16.55
N PRO F 64 14.84 -3.51 -17.64
CA PRO F 64 15.88 -4.35 -18.22
C PRO F 64 17.05 -3.53 -18.77
N SER F 65 18.27 -4.03 -18.64
CA SER F 65 19.46 -3.30 -19.09
C SER F 65 19.56 -3.16 -20.61
N ARG F 66 18.98 -4.10 -21.35
CA ARG F 66 18.93 -4.00 -22.80
C ARG F 66 17.51 -4.35 -23.19
N PRO F 67 17.07 -3.95 -24.41
CA PRO F 67 15.71 -4.26 -24.85
C PRO F 67 15.45 -5.75 -24.88
N VAL F 68 14.17 -6.13 -24.81
CA VAL F 68 13.82 -7.52 -24.77
C VAL F 68 12.48 -7.79 -25.45
N ARG F 69 12.32 -8.98 -26.02
CA ARG F 69 11.12 -9.31 -26.78
C ARG F 69 10.08 -9.92 -25.87
N LEU F 70 8.83 -9.47 -25.99
CA LEU F 70 7.75 -10.07 -25.23
C LEU F 70 7.11 -11.22 -26.01
#